data_7MDW
#
_entry.id   7MDW
#
_cell.length_a   1.00
_cell.length_b   1.00
_cell.length_c   1.00
_cell.angle_alpha   90.00
_cell.angle_beta   90.00
_cell.angle_gamma   90.00
#
_symmetry.space_group_name_H-M   'P 1'
#
loop_
_entity.id
_entity.type
_entity.pdbx_description
1 polymer 'nonobody Nb21'
2 polymer 'Spike protein S1'
3 polymer 'nanobody Nb105'
4 non-polymer 2-acetamido-2-deoxy-beta-D-glucopyranose
#
loop_
_entity_poly.entity_id
_entity_poly.type
_entity_poly.pdbx_seq_one_letter_code
_entity_poly.pdbx_strand_id
1 'polypeptide(L)'
;QVQLVESGGGLVQAGGSLRLSCAVSGLGAHRVGWFRRAPGKEREFVAAIGANGGNTNYLDSVKGRFTISRDNAKNTIYLQ
MNSLKPQDTAVYYCAARDIETAEYTYWGQGTQVTVSS
;
A
2 'polypeptide(L)'
;TNLCPFGEVFNATRFASVYAWNRKRISNCVADYSVLYNSASFSTFKCYGVSPTKLNDLCFTNVYADSFVIRGDEVRQIAP
GQTGKIADYNYKLPDDFTGCVIAWNSNNLDSKVGGNYNYLYRLFRKSNLKPFERDISTEIYQAGSTPCNGVEGFNCYFPL
QSYGFQPTNGVGYQPYRVVVLSFELLHAPATVCG
;
R
3 'polypeptide(L)'
;VQLVESGGGLVQAGGSLRLSCAVSGRTFSTYGMAWFRQAPGKERDFVATITRSGETTLYADSVKGRFTISRDNAKNTVYL
QMNSLKIEDTAVYYCAVRRDSSWGYSRDLFEYDYWGQGTQVTVS
;
B
#
loop_
_chem_comp.id
_chem_comp.type
_chem_comp.name
_chem_comp.formula
NAG D-saccharide, beta linking 2-acetamido-2-deoxy-beta-D-glucopyranose 'C8 H15 N O6'
#
# COMPACT_ATOMS: atom_id res chain seq x y z
N GLN A 1 16.75 -6.38 -21.39
CA GLN A 1 17.42 -6.94 -22.56
C GLN A 1 18.90 -7.20 -22.29
N VAL A 2 19.17 -7.97 -21.24
CA VAL A 2 20.54 -8.31 -20.88
C VAL A 2 20.81 -9.77 -21.21
N GLN A 3 20.05 -10.67 -20.58
CA GLN A 3 20.23 -12.11 -20.80
C GLN A 3 18.90 -12.79 -20.49
N LEU A 4 18.16 -13.14 -21.55
CA LEU A 4 16.90 -13.89 -21.44
C LEU A 4 16.99 -15.05 -22.43
N VAL A 5 17.54 -16.17 -21.99
CA VAL A 5 17.77 -17.30 -22.87
C VAL A 5 16.49 -18.12 -23.01
N GLU A 6 16.41 -18.87 -24.11
CA GLU A 6 15.27 -19.72 -24.40
C GLU A 6 15.78 -21.08 -24.90
N SER A 7 14.87 -21.90 -25.39
CA SER A 7 15.22 -23.20 -25.95
C SER A 7 14.11 -23.64 -26.89
N GLY A 8 14.46 -24.55 -27.80
CA GLY A 8 13.50 -25.07 -28.74
C GLY A 8 14.18 -25.83 -29.85
N GLY A 9 13.35 -26.32 -30.77
CA GLY A 9 13.84 -27.07 -31.92
C GLY A 9 13.37 -28.51 -31.94
N GLY A 10 12.56 -28.87 -32.93
CA GLY A 10 12.08 -30.23 -33.06
C GLY A 10 11.16 -30.46 -34.24
N LEU A 11 11.38 -31.55 -34.96
CA LEU A 11 10.57 -31.92 -36.13
C LEU A 11 10.28 -33.41 -36.10
N VAL A 12 9.92 -33.94 -34.93
CA VAL A 12 9.81 -35.38 -34.75
C VAL A 12 8.42 -35.89 -35.09
N GLN A 13 7.38 -35.27 -34.53
CA GLN A 13 6.02 -35.76 -34.73
C GLN A 13 5.03 -34.70 -34.24
N ALA A 14 3.94 -34.53 -35.00
CA ALA A 14 2.92 -33.54 -34.70
C ALA A 14 1.57 -34.23 -34.52
N GLY A 15 0.71 -33.59 -33.72
CA GLY A 15 -0.62 -34.12 -33.46
C GLY A 15 -0.89 -34.29 -31.98
N GLY A 16 0.17 -34.25 -31.17
CA GLY A 16 0.04 -34.47 -29.75
C GLY A 16 0.11 -33.18 -28.93
N SER A 17 0.86 -33.22 -27.83
CA SER A 17 0.97 -32.10 -26.90
C SER A 17 2.42 -31.86 -26.54
N LEU A 18 3.30 -31.83 -27.54
CA LEU A 18 4.70 -31.50 -27.31
C LEU A 18 4.82 -30.10 -26.73
N ARG A 19 5.67 -29.95 -25.73
CA ARG A 19 5.79 -28.71 -24.98
C ARG A 19 6.99 -27.89 -25.42
N LEU A 20 6.98 -26.61 -25.06
CA LEU A 20 8.09 -25.70 -25.28
C LEU A 20 8.34 -24.94 -23.98
N SER A 21 9.61 -24.63 -23.72
CA SER A 21 10.02 -24.01 -22.48
C SER A 21 11.12 -22.99 -22.73
N CYS A 22 11.21 -22.01 -21.83
CA CYS A 22 12.32 -21.05 -21.84
C CYS A 22 12.56 -20.61 -20.40
N ALA A 23 13.32 -19.52 -20.26
CA ALA A 23 13.61 -18.95 -18.95
C ALA A 23 13.68 -17.43 -19.06
N VAL A 24 13.46 -16.77 -17.93
CA VAL A 24 13.51 -15.31 -17.84
C VAL A 24 14.35 -14.92 -16.63
N SER A 25 14.83 -13.68 -16.66
CA SER A 25 15.62 -13.17 -15.56
C SER A 25 14.73 -12.85 -14.36
N GLY A 26 15.35 -12.26 -13.33
CA GLY A 26 14.60 -11.86 -12.15
C GLY A 26 13.52 -10.86 -12.47
N LEU A 27 12.26 -11.30 -12.42
CA LEU A 27 11.13 -10.49 -12.82
C LEU A 27 10.38 -9.87 -11.65
N GLY A 28 10.28 -10.57 -10.52
CA GLY A 28 9.52 -10.04 -9.41
C GLY A 28 8.05 -9.93 -9.79
N ALA A 29 7.52 -8.72 -9.71
CA ALA A 29 6.12 -8.45 -10.05
C ALA A 29 6.01 -7.97 -11.50
N HIS A 30 6.31 -8.88 -12.41
CA HIS A 30 6.27 -8.61 -13.84
C HIS A 30 5.40 -9.64 -14.54
N ARG A 31 4.58 -9.17 -15.47
CA ARG A 31 3.73 -10.06 -16.26
C ARG A 31 4.48 -10.54 -17.50
N VAL A 32 4.35 -11.83 -17.80
CA VAL A 32 5.09 -12.46 -18.88
C VAL A 32 4.13 -13.32 -19.70
N GLY A 33 4.25 -13.23 -21.03
CA GLY A 33 3.49 -14.08 -21.93
C GLY A 33 4.14 -14.17 -23.29
N TRP A 34 4.26 -15.38 -23.84
CA TRP A 34 5.00 -15.55 -25.09
C TRP A 34 4.18 -14.99 -26.25
N PHE A 35 4.88 -14.56 -27.30
CA PHE A 35 4.28 -14.10 -28.53
C PHE A 35 4.89 -14.84 -29.71
N ARG A 36 4.09 -15.06 -30.76
CA ARG A 36 4.54 -15.63 -32.01
C ARG A 36 4.02 -14.78 -33.15
N ARG A 37 4.68 -14.85 -34.30
CA ARG A 37 4.24 -14.13 -35.49
C ARG A 37 3.83 -15.12 -36.57
N ALA A 38 3.47 -14.59 -37.73
CA ALA A 38 3.07 -15.37 -38.89
C ALA A 38 3.80 -14.85 -40.12
N PRO A 39 3.98 -15.69 -41.14
CA PRO A 39 4.62 -15.20 -42.38
C PRO A 39 3.87 -14.02 -42.96
N GLY A 40 4.64 -13.00 -43.37
CA GLY A 40 4.04 -11.77 -43.84
C GLY A 40 3.23 -11.03 -42.80
N LYS A 41 3.55 -11.23 -41.52
CA LYS A 41 2.80 -10.60 -40.44
C LYS A 41 3.65 -10.60 -39.18
N GLU A 42 3.12 -9.99 -38.13
CA GLU A 42 3.84 -9.92 -36.86
C GLU A 42 2.86 -9.56 -35.75
N ARG A 43 3.34 -9.71 -34.51
CA ARG A 43 2.60 -9.33 -33.31
C ARG A 43 1.25 -10.05 -33.22
N GLU A 44 1.32 -11.37 -33.09
CA GLU A 44 0.13 -12.18 -32.86
C GLU A 44 0.12 -12.66 -31.41
N PHE A 45 -0.97 -12.40 -30.71
CA PHE A 45 -1.08 -12.74 -29.30
C PHE A 45 -1.13 -14.25 -29.11
N VAL A 46 -0.52 -14.73 -28.02
CA VAL A 46 -0.58 -16.14 -27.68
C VAL A 46 -1.17 -16.30 -26.28
N ALA A 47 -0.51 -15.76 -25.27
CA ALA A 47 -0.97 -15.91 -23.89
C ALA A 47 -0.32 -14.85 -23.03
N ALA A 48 -0.88 -14.67 -21.83
CA ALA A 48 -0.34 -13.76 -20.83
C ALA A 48 -0.49 -14.39 -19.46
N ILE A 49 0.60 -14.41 -18.70
CA ILE A 49 0.63 -15.01 -17.37
C ILE A 49 1.06 -13.94 -16.37
N GLY A 50 0.30 -13.82 -15.28
CA GLY A 50 0.63 -12.82 -14.27
C GLY A 50 1.80 -13.25 -13.39
N ALA A 51 2.18 -12.35 -12.49
CA ALA A 51 3.29 -12.63 -11.59
C ALA A 51 2.80 -13.24 -10.28
N ASN A 52 1.48 -13.31 -10.10
CA ASN A 52 0.94 -13.95 -8.90
C ASN A 52 1.19 -15.44 -8.91
N GLY A 53 1.25 -16.05 -10.09
CA GLY A 53 1.25 -17.48 -10.22
C GLY A 53 -0.12 -18.10 -10.41
N GLY A 54 -1.17 -17.28 -10.47
CA GLY A 54 -2.52 -17.78 -10.62
C GLY A 54 -3.33 -17.08 -11.69
N ASN A 55 -2.80 -15.98 -12.23
CA ASN A 55 -3.46 -15.22 -13.28
C ASN A 55 -2.94 -15.70 -14.63
N THR A 56 -3.86 -16.15 -15.48
CA THR A 56 -3.52 -16.76 -16.76
C THR A 56 -4.50 -16.32 -17.83
N ASN A 57 -3.97 -15.92 -18.99
CA ASN A 57 -4.77 -15.59 -20.16
C ASN A 57 -4.47 -16.61 -21.26
N TYR A 58 -5.50 -16.98 -22.01
CA TYR A 58 -5.40 -18.02 -23.01
C TYR A 58 -5.83 -17.49 -24.37
N LEU A 59 -5.29 -18.11 -25.42
CA LEU A 59 -5.64 -17.74 -26.78
C LEU A 59 -7.02 -18.28 -27.16
N ASP A 60 -7.62 -17.66 -28.19
CA ASP A 60 -8.90 -18.15 -28.69
C ASP A 60 -8.76 -19.53 -29.32
N SER A 61 -7.57 -19.84 -29.86
CA SER A 61 -7.35 -21.14 -30.47
C SER A 61 -7.41 -22.25 -29.42
N VAL A 62 -6.75 -22.05 -28.28
CA VAL A 62 -6.78 -23.06 -27.23
C VAL A 62 -8.12 -22.97 -26.50
N LYS A 63 -8.73 -24.12 -26.26
CA LYS A 63 -10.11 -24.18 -25.75
C LYS A 63 -10.08 -24.14 -24.22
N GLY A 64 -10.43 -22.98 -23.67
CA GLY A 64 -10.58 -22.82 -22.24
C GLY A 64 -9.28 -22.60 -21.49
N ARG A 65 -8.52 -23.67 -21.28
CA ARG A 65 -7.27 -23.60 -20.54
C ARG A 65 -6.52 -24.92 -20.71
N PHE A 66 -5.18 -24.83 -20.69
CA PHE A 66 -4.33 -26.00 -20.89
C PHE A 66 -3.25 -25.95 -19.83
N THR A 67 -2.20 -26.76 -19.94
CA THR A 67 -1.17 -26.87 -18.91
C THR A 67 -0.15 -25.75 -19.10
N ILE A 68 0.05 -24.95 -18.05
CA ILE A 68 1.06 -23.90 -18.03
C ILE A 68 1.81 -24.00 -16.70
N SER A 69 3.13 -23.83 -16.75
CA SER A 69 3.98 -23.93 -15.57
C SER A 69 4.72 -22.63 -15.35
N ARG A 70 5.03 -22.33 -14.09
CA ARG A 70 5.79 -21.15 -13.72
C ARG A 70 6.42 -21.37 -12.34
N ASP A 71 7.74 -21.34 -12.28
CA ASP A 71 8.48 -21.50 -11.03
C ASP A 71 9.06 -20.16 -10.64
N ASN A 72 8.65 -19.65 -9.47
CA ASN A 72 9.15 -18.36 -9.01
C ASN A 72 10.62 -18.44 -8.62
N ALA A 73 11.02 -19.54 -7.97
CA ALA A 73 12.41 -19.68 -7.55
C ALA A 73 13.34 -19.78 -8.75
N LYS A 74 12.98 -20.57 -9.76
CA LYS A 74 13.79 -20.73 -10.95
C LYS A 74 13.55 -19.65 -11.99
N ASN A 75 12.48 -18.87 -11.86
CA ASN A 75 12.15 -17.79 -12.78
C ASN A 75 12.03 -18.31 -14.22
N THR A 76 11.10 -19.23 -14.41
CA THR A 76 10.84 -19.83 -15.72
C THR A 76 9.36 -19.67 -16.06
N ILE A 77 9.08 -19.34 -17.32
CA ILE A 77 7.72 -19.19 -17.81
C ILE A 77 7.48 -20.21 -18.91
N TYR A 78 6.37 -20.94 -18.80
CA TYR A 78 6.01 -21.99 -19.74
C TYR A 78 4.75 -21.58 -20.49
N LEU A 79 4.50 -22.27 -21.61
CA LEU A 79 3.36 -21.98 -22.47
C LEU A 79 2.55 -23.24 -22.71
N GLN A 80 1.26 -23.05 -22.97
CA GLN A 80 0.36 -24.12 -23.39
C GLN A 80 0.38 -24.19 -24.92
N MET A 81 0.79 -25.33 -25.46
CA MET A 81 0.83 -25.54 -26.90
C MET A 81 0.23 -26.90 -27.26
N ASN A 82 -0.98 -27.17 -26.78
CA ASN A 82 -1.63 -28.44 -27.01
C ASN A 82 -2.25 -28.50 -28.40
N SER A 83 -2.60 -29.71 -28.82
CA SER A 83 -3.33 -30.01 -30.06
C SER A 83 -2.46 -29.87 -31.31
N LEU A 84 -1.26 -29.32 -31.16
CA LEU A 84 -0.23 -29.28 -32.21
C LEU A 84 -0.84 -28.95 -33.58
N LYS A 85 -1.41 -27.75 -33.67
CA LYS A 85 -2.10 -27.35 -34.89
C LYS A 85 -1.14 -27.43 -36.09
N PRO A 86 -1.57 -28.05 -37.19
CA PRO A 86 -0.64 -28.31 -38.30
C PRO A 86 -0.03 -27.06 -38.90
N GLN A 87 -0.78 -25.97 -38.97
CA GLN A 87 -0.27 -24.73 -39.55
C GLN A 87 0.39 -23.82 -38.52
N ASP A 88 0.40 -24.19 -37.24
CA ASP A 88 0.94 -23.34 -36.19
C ASP A 88 2.40 -23.71 -35.93
N THR A 89 3.23 -23.42 -36.92
CA THR A 89 4.68 -23.49 -36.78
C THR A 89 5.26 -22.12 -37.07
N ALA A 90 6.08 -21.61 -36.15
CA ALA A 90 6.58 -20.24 -36.23
C ALA A 90 7.73 -20.07 -35.25
N VAL A 91 8.12 -18.81 -35.05
CA VAL A 91 9.17 -18.47 -34.11
C VAL A 91 8.54 -18.02 -32.79
N TYR A 92 9.04 -18.56 -31.68
CA TYR A 92 8.52 -18.28 -30.35
C TYR A 92 9.57 -17.54 -29.54
N TYR A 93 9.19 -16.39 -28.99
CA TYR A 93 10.05 -15.61 -28.11
C TYR A 93 9.27 -15.25 -26.84
N CYS A 94 9.97 -15.25 -25.70
CA CYS A 94 9.32 -15.11 -24.41
C CYS A 94 9.22 -13.65 -24.00
N ALA A 95 8.62 -12.82 -24.86
CA ALA A 95 8.62 -11.39 -24.65
C ALA A 95 7.82 -11.01 -23.40
N ALA A 96 8.33 -10.00 -22.70
CA ALA A 96 7.68 -9.49 -21.50
C ALA A 96 6.74 -8.35 -21.89
N ARG A 97 6.26 -7.59 -20.89
CA ARG A 97 5.31 -6.51 -21.13
C ARG A 97 6.03 -5.23 -21.53
N ASP A 98 6.66 -5.28 -22.70
CA ASP A 98 7.29 -4.07 -23.25
C ASP A 98 6.24 -3.02 -23.59
N ILE A 99 5.07 -3.46 -24.04
CA ILE A 99 3.98 -2.53 -24.35
C ILE A 99 3.51 -1.85 -23.08
N GLU A 100 3.39 -2.60 -21.99
CA GLU A 100 2.93 -2.04 -20.72
C GLU A 100 3.97 -1.11 -20.12
N THR A 101 3.67 -0.58 -18.94
CA THR A 101 4.50 0.45 -18.31
C THR A 101 5.59 -0.14 -17.42
N ALA A 102 5.21 -0.89 -16.39
CA ALA A 102 6.19 -1.34 -15.39
C ALA A 102 6.85 -2.64 -15.80
N GLU A 103 7.31 -2.71 -17.05
CA GLU A 103 8.17 -3.77 -17.55
C GLU A 103 9.02 -3.17 -18.65
N TYR A 104 10.35 -3.26 -18.52
CA TYR A 104 11.24 -2.48 -19.38
C TYR A 104 11.10 -2.85 -20.85
N THR A 105 11.57 -4.04 -21.23
CA THR A 105 11.66 -4.50 -22.61
C THR A 105 11.99 -5.99 -22.60
N TYR A 106 11.60 -6.67 -23.69
CA TYR A 106 12.30 -7.88 -24.10
C TYR A 106 11.95 -8.17 -25.56
N TRP A 107 12.93 -7.98 -26.45
CA TRP A 107 12.86 -8.47 -27.83
C TRP A 107 14.29 -8.80 -28.24
N GLY A 108 14.71 -10.04 -28.01
CA GLY A 108 16.10 -10.37 -28.24
C GLY A 108 16.43 -11.76 -28.76
N GLN A 109 15.43 -12.62 -28.97
CA GLN A 109 15.71 -13.99 -29.39
C GLN A 109 14.42 -14.59 -29.97
N GLY A 110 14.46 -15.88 -30.24
CA GLY A 110 13.32 -16.61 -30.77
C GLY A 110 13.63 -18.07 -31.04
N THR A 111 12.65 -18.94 -30.77
CA THR A 111 12.80 -20.37 -30.97
C THR A 111 11.70 -20.89 -31.88
N GLN A 112 11.97 -22.02 -32.55
CA GLN A 112 11.05 -22.58 -33.51
C GLN A 112 10.89 -24.08 -33.30
N VAL A 113 9.73 -24.60 -33.66
CA VAL A 113 9.46 -26.04 -33.69
C VAL A 113 8.72 -26.34 -34.99
N THR A 114 9.07 -27.44 -35.63
CA THR A 114 8.50 -27.81 -36.94
C THR A 114 8.11 -29.28 -36.95
N VAL A 115 7.42 -29.72 -35.90
CA VAL A 115 6.97 -31.10 -35.83
C VAL A 115 5.90 -31.36 -36.88
N SER A 116 5.95 -32.55 -37.50
CA SER A 116 5.01 -32.91 -38.55
C SER A 116 4.76 -34.42 -38.49
N SER A 117 3.66 -34.84 -39.10
CA SER A 117 3.29 -36.25 -39.12
C SER A 117 2.78 -36.65 -40.51
N THR B 1 -24.65 -8.85 24.93
CA THR B 1 -23.92 -9.05 26.17
C THR B 1 -22.48 -9.51 25.89
N ASN B 2 -22.22 -9.87 24.64
CA ASN B 2 -20.89 -10.32 24.22
C ASN B 2 -20.17 -9.21 23.49
N LEU B 3 -18.85 -9.20 23.63
CA LEU B 3 -18.03 -8.18 22.98
C LEU B 3 -18.06 -8.35 21.46
N CYS B 4 -17.97 -7.23 20.75
CA CYS B 4 -18.01 -7.25 19.30
C CYS B 4 -16.75 -7.92 18.75
N PRO B 5 -16.86 -8.56 17.56
CA PRO B 5 -15.71 -9.26 16.97
C PRO B 5 -14.69 -8.33 16.30
N PHE B 6 -14.32 -7.26 17.01
CA PHE B 6 -13.28 -6.37 16.53
C PHE B 6 -11.92 -7.05 16.55
N GLY B 7 -11.67 -7.89 17.56
CA GLY B 7 -10.43 -8.64 17.60
C GLY B 7 -10.30 -9.61 16.45
N GLU B 8 -11.43 -10.18 16.01
CA GLU B 8 -11.40 -11.06 14.84
C GLU B 8 -10.94 -10.32 13.60
N VAL B 9 -11.44 -9.10 13.40
CA VAL B 9 -10.99 -8.29 12.27
C VAL B 9 -9.53 -7.92 12.42
N PHE B 10 -9.11 -7.53 13.63
CA PHE B 10 -7.73 -7.13 13.85
C PHE B 10 -6.76 -8.28 13.63
N ASN B 11 -7.12 -9.48 14.07
CA ASN B 11 -6.24 -10.64 14.00
C ASN B 11 -6.62 -11.62 12.90
N ALA B 12 -7.06 -11.12 11.75
CA ALA B 12 -7.35 -12.00 10.62
C ALA B 12 -6.08 -12.65 10.11
N THR B 13 -6.18 -13.96 9.80
CA THR B 13 -5.00 -14.69 9.34
C THR B 13 -4.49 -14.14 8.01
N ARG B 14 -5.40 -13.83 7.08
CA ARG B 14 -5.06 -13.25 5.79
C ARG B 14 -5.89 -12.00 5.55
N PHE B 15 -5.35 -11.11 4.71
CA PHE B 15 -6.00 -9.86 4.39
C PHE B 15 -6.29 -9.78 2.90
N ALA B 16 -7.41 -9.15 2.57
CA ALA B 16 -7.84 -9.05 1.19
C ALA B 16 -7.08 -7.95 0.46
N SER B 17 -7.12 -8.02 -0.87
CA SER B 17 -6.48 -7.00 -1.70
C SER B 17 -7.37 -5.76 -1.80
N VAL B 18 -6.83 -4.72 -2.44
CA VAL B 18 -7.55 -3.45 -2.54
C VAL B 18 -8.75 -3.59 -3.48
N TYR B 19 -8.65 -4.46 -4.47
CA TYR B 19 -9.76 -4.64 -5.42
C TYR B 19 -10.71 -5.74 -5.00
N ALA B 20 -10.37 -6.53 -3.98
CA ALA B 20 -11.22 -7.61 -3.49
C ALA B 20 -11.42 -7.54 -1.98
N TRP B 21 -11.61 -6.34 -1.45
CA TRP B 21 -11.74 -6.16 -0.01
C TRP B 21 -13.02 -6.82 0.50
N ASN B 22 -12.97 -7.27 1.76
CA ASN B 22 -14.07 -7.97 2.38
C ASN B 22 -14.75 -7.05 3.39
N ARG B 23 -16.07 -6.98 3.31
CA ARG B 23 -16.87 -6.18 4.24
C ARG B 23 -17.53 -7.12 5.25
N LYS B 24 -17.18 -6.97 6.52
CA LYS B 24 -17.76 -7.76 7.60
C LYS B 24 -18.58 -6.84 8.49
N ARG B 25 -19.88 -7.10 8.57
CA ARG B 25 -20.78 -6.26 9.35
C ARG B 25 -20.70 -6.63 10.82
N ILE B 26 -20.97 -5.64 11.68
CA ILE B 26 -20.94 -5.81 13.13
C ILE B 26 -22.33 -5.51 13.68
N SER B 27 -22.87 -6.45 14.45
CA SER B 27 -24.21 -6.29 15.00
C SER B 27 -24.35 -7.20 16.22
N ASN B 28 -25.39 -6.92 17.01
CA ASN B 28 -25.77 -7.75 18.16
C ASN B 28 -24.62 -7.89 19.16
N CYS B 29 -23.93 -6.80 19.44
CA CYS B 29 -22.82 -6.81 20.38
C CYS B 29 -22.52 -5.38 20.82
N VAL B 30 -21.68 -5.27 21.85
CA VAL B 30 -21.21 -4.00 22.36
C VAL B 30 -19.68 -4.02 22.34
N ALA B 31 -19.08 -2.91 21.91
CA ALA B 31 -17.63 -2.81 21.74
C ALA B 31 -17.05 -1.91 22.82
N ASP B 32 -16.00 -2.38 23.48
CA ASP B 32 -15.26 -1.61 24.48
C ASP B 32 -13.88 -1.30 23.89
N TYR B 33 -13.71 -0.09 23.38
CA TYR B 33 -12.50 0.33 22.70
C TYR B 33 -11.52 1.05 23.62
N SER B 34 -11.84 1.17 24.92
CA SER B 34 -10.97 1.90 25.83
C SER B 34 -9.61 1.24 25.96
N VAL B 35 -9.58 -0.09 26.04
CA VAL B 35 -8.32 -0.80 26.23
C VAL B 35 -7.43 -0.69 25.01
N LEU B 36 -8.02 -0.59 23.81
CA LEU B 36 -7.24 -0.55 22.58
C LEU B 36 -6.93 0.86 22.09
N TYR B 37 -7.78 1.83 22.42
CA TYR B 37 -7.54 3.19 21.98
C TYR B 37 -6.26 3.76 22.58
N ASN B 38 -6.02 3.49 23.86
CA ASN B 38 -4.82 3.94 24.55
C ASN B 38 -3.68 2.93 24.48
N SER B 39 -3.90 1.77 23.86
CA SER B 39 -2.86 0.75 23.78
C SER B 39 -1.69 1.18 22.90
N ALA B 40 -1.87 2.20 22.06
CA ALA B 40 -0.83 2.73 21.19
C ALA B 40 -0.28 1.67 20.24
N SER B 41 -1.06 0.62 19.97
CA SER B 41 -0.64 -0.42 19.05
C SER B 41 -0.93 -0.08 17.59
N PHE B 42 -1.59 1.05 17.34
CA PHE B 42 -1.94 1.48 16.00
C PHE B 42 -1.20 2.78 15.67
N SER B 43 -0.52 2.80 14.53
CA SER B 43 0.24 3.97 14.11
C SER B 43 -0.62 5.02 13.42
N THR B 44 -1.91 4.77 13.24
CA THR B 44 -2.81 5.71 12.58
C THR B 44 -4.22 5.40 13.05
N PHE B 45 -4.89 6.39 13.65
CA PHE B 45 -6.21 6.19 14.21
C PHE B 45 -7.11 7.37 13.85
N LYS B 46 -7.03 7.83 12.60
CA LYS B 46 -7.84 8.96 12.16
C LYS B 46 -9.33 8.62 12.23
N CYS B 47 -10.11 9.54 12.80
CA CYS B 47 -11.54 9.37 12.98
C CYS B 47 -12.24 10.59 12.37
N TYR B 48 -12.56 10.51 11.09
CA TYR B 48 -13.21 11.61 10.41
C TYR B 48 -14.67 11.72 10.81
N GLY B 49 -15.10 12.92 11.20
CA GLY B 49 -16.49 13.19 11.49
C GLY B 49 -16.96 12.83 12.88
N VAL B 50 -16.09 12.25 13.72
CA VAL B 50 -16.46 11.88 15.08
C VAL B 50 -15.21 11.83 15.94
N SER B 51 -15.33 12.35 17.16
CA SER B 51 -14.24 12.27 18.13
C SER B 51 -14.13 10.85 18.67
N PRO B 52 -12.90 10.33 18.86
CA PRO B 52 -12.77 8.97 19.39
C PRO B 52 -13.37 8.80 20.77
N THR B 53 -13.30 9.83 21.62
CA THR B 53 -13.84 9.71 22.98
C THR B 53 -15.37 9.83 22.98
N LYS B 54 -15.91 10.63 22.06
CA LYS B 54 -17.35 10.92 22.10
C LYS B 54 -18.18 9.74 21.63
N LEU B 55 -17.61 8.88 20.79
CA LEU B 55 -18.38 7.78 20.23
C LEU B 55 -18.66 6.69 21.26
N ASN B 56 -18.01 6.76 22.42
CA ASN B 56 -18.27 5.76 23.46
C ASN B 56 -19.71 5.84 23.96
N ASP B 57 -20.21 7.05 24.18
CA ASP B 57 -21.59 7.25 24.64
C ASP B 57 -22.56 7.43 23.48
N LEU B 58 -22.53 6.48 22.54
CA LEU B 58 -23.40 6.53 21.37
C LEU B 58 -23.60 5.12 20.85
N CYS B 59 -24.75 4.90 20.22
CA CYS B 59 -25.11 3.60 19.67
C CYS B 59 -25.25 3.70 18.16
N PHE B 60 -24.58 2.81 17.43
CA PHE B 60 -24.61 2.78 15.98
C PHE B 60 -25.41 1.56 15.52
N THR B 61 -26.33 1.78 14.58
CA THR B 61 -27.20 0.70 14.15
C THR B 61 -26.47 -0.27 13.23
N ASN B 62 -25.60 0.23 12.36
CA ASN B 62 -24.89 -0.60 11.38
C ASN B 62 -23.42 -0.21 11.39
N VAL B 63 -22.56 -1.24 11.30
CA VAL B 63 -21.11 -1.05 11.27
C VAL B 63 -20.55 -1.78 10.06
N TYR B 64 -19.74 -1.08 9.28
CA TYR B 64 -19.08 -1.65 8.11
C TYR B 64 -17.58 -1.70 8.35
N ALA B 65 -16.99 -2.88 8.21
CA ALA B 65 -15.57 -3.09 8.43
C ALA B 65 -14.93 -3.56 7.13
N ASP B 66 -13.92 -2.84 6.66
CA ASP B 66 -13.20 -3.15 5.43
C ASP B 66 -11.73 -3.34 5.75
N SER B 67 -11.08 -4.27 5.04
CA SER B 67 -9.69 -4.60 5.27
C SER B 67 -8.95 -4.74 3.94
N PHE B 68 -7.79 -4.07 3.85
CA PHE B 68 -6.91 -4.22 2.70
C PHE B 68 -5.51 -3.76 3.10
N VAL B 69 -4.52 -4.20 2.33
CA VAL B 69 -3.10 -3.91 2.59
C VAL B 69 -2.53 -3.13 1.42
N ILE B 70 -1.91 -1.99 1.71
CA ILE B 70 -1.32 -1.12 0.71
C ILE B 70 0.06 -0.66 1.21
N ARG B 71 0.68 0.22 0.43
CA ARG B 71 2.01 0.72 0.75
C ARG B 71 1.97 1.69 1.92
N GLY B 72 3.15 1.97 2.48
CA GLY B 72 3.25 2.93 3.55
C GLY B 72 2.93 4.34 3.10
N ASP B 73 3.35 4.69 1.88
CA ASP B 73 3.12 6.01 1.32
C ASP B 73 1.86 6.09 0.46
N GLU B 74 1.08 5.01 0.40
CA GLU B 74 -0.12 4.98 -0.42
C GLU B 74 -1.40 5.22 0.37
N VAL B 75 -1.30 5.60 1.65
CA VAL B 75 -2.49 5.80 2.45
C VAL B 75 -3.11 7.18 2.25
N ARG B 76 -2.49 8.01 1.40
CA ARG B 76 -3.05 9.34 1.15
C ARG B 76 -4.36 9.24 0.37
N GLN B 77 -4.49 8.24 -0.50
CA GLN B 77 -5.69 8.11 -1.31
C GLN B 77 -6.90 7.74 -0.47
N ILE B 78 -6.68 7.17 0.72
CA ILE B 78 -7.78 6.78 1.60
C ILE B 78 -8.09 7.96 2.52
N ALA B 79 -8.94 8.87 2.05
CA ALA B 79 -9.33 10.04 2.81
C ALA B 79 -10.62 10.60 2.20
N PRO B 80 -11.50 11.18 3.02
CA PRO B 80 -12.74 11.74 2.47
C PRO B 80 -12.46 12.93 1.57
N GLY B 81 -13.17 12.99 0.44
CA GLY B 81 -12.99 14.07 -0.51
C GLY B 81 -11.60 14.16 -1.09
N GLN B 82 -11.01 13.02 -1.43
CA GLN B 82 -9.65 12.95 -1.97
C GLN B 82 -9.69 12.29 -3.35
N THR B 83 -8.96 12.88 -4.29
CA THR B 83 -8.88 12.36 -5.65
C THR B 83 -7.51 11.71 -5.85
N GLY B 84 -7.53 10.45 -6.29
CA GLY B 84 -6.29 9.72 -6.51
C GLY B 84 -6.57 8.46 -7.29
N LYS B 85 -5.48 7.80 -7.71
CA LYS B 85 -5.60 6.59 -8.51
C LYS B 85 -6.33 5.49 -7.73
N ILE B 86 -5.94 5.27 -6.48
CA ILE B 86 -6.60 4.26 -5.66
C ILE B 86 -8.05 4.63 -5.42
N ALA B 87 -8.31 5.90 -5.13
CA ALA B 87 -9.70 6.35 -4.91
C ALA B 87 -10.52 6.21 -6.17
N ASP B 88 -9.94 6.55 -7.32
CA ASP B 88 -10.71 6.55 -8.57
C ASP B 88 -10.98 5.12 -9.05
N TYR B 89 -10.00 4.23 -8.95
CA TYR B 89 -10.09 2.93 -9.59
C TYR B 89 -10.14 1.74 -8.64
N ASN B 90 -9.78 1.90 -7.36
CA ASN B 90 -9.73 0.75 -6.47
C ASN B 90 -10.74 0.84 -5.33
N TYR B 91 -10.67 1.90 -4.53
CA TYR B 91 -11.47 2.04 -3.32
C TYR B 91 -11.68 3.51 -3.02
N LYS B 92 -12.93 3.94 -3.04
CA LYS B 92 -13.29 5.35 -2.84
C LYS B 92 -14.09 5.49 -1.55
N LEU B 93 -13.66 6.44 -0.70
CA LEU B 93 -14.37 6.78 0.53
C LEU B 93 -15.26 7.98 0.30
N PRO B 94 -16.56 7.89 0.58
CA PRO B 94 -17.46 9.02 0.31
C PRO B 94 -17.18 10.20 1.22
N ASP B 95 -17.69 11.36 0.81
CA ASP B 95 -17.53 12.57 1.62
C ASP B 95 -18.21 12.43 2.97
N ASP B 96 -19.40 11.84 3.00
CA ASP B 96 -20.12 11.59 4.25
C ASP B 96 -19.58 10.32 4.91
N PHE B 97 -18.33 10.41 5.37
CA PHE B 97 -17.64 9.30 6.00
C PHE B 97 -17.47 9.61 7.48
N THR B 98 -17.99 8.72 8.33
CA THR B 98 -17.93 8.89 9.77
C THR B 98 -17.15 7.77 10.46
N GLY B 99 -16.38 6.99 9.71
CA GLY B 99 -15.66 5.88 10.30
C GLY B 99 -14.30 6.29 10.84
N CYS B 100 -13.65 5.31 11.46
CA CYS B 100 -12.31 5.48 12.03
C CYS B 100 -11.34 4.60 11.24
N VAL B 101 -10.27 5.23 10.74
CA VAL B 101 -9.28 4.52 9.93
C VAL B 101 -8.14 4.07 10.83
N ILE B 102 -7.86 2.77 10.84
CA ILE B 102 -6.82 2.19 11.67
C ILE B 102 -5.84 1.46 10.77
N ALA B 103 -4.54 1.75 10.94
CA ALA B 103 -3.51 1.12 10.14
C ALA B 103 -2.28 0.88 11.01
N TRP B 104 -1.50 -0.13 10.65
CA TRP B 104 -0.27 -0.44 11.35
C TRP B 104 0.67 -1.18 10.42
N ASN B 105 1.95 -1.20 10.79
CA ASN B 105 2.97 -1.85 9.98
C ASN B 105 2.79 -3.36 10.02
N SER B 106 3.11 -4.01 8.90
CA SER B 106 3.01 -5.46 8.77
C SER B 106 4.31 -6.07 8.26
N ASN B 107 5.45 -5.57 8.72
CA ASN B 107 6.74 -6.12 8.29
C ASN B 107 6.95 -7.52 8.84
N ASN B 108 6.31 -7.83 9.97
CA ASN B 108 6.49 -9.13 10.60
C ASN B 108 5.90 -10.26 9.76
N LEU B 109 4.74 -10.03 9.14
CA LEU B 109 4.03 -11.08 8.40
C LEU B 109 4.02 -10.83 6.91
N ASP B 110 3.55 -9.66 6.46
CA ASP B 110 3.41 -9.41 5.03
C ASP B 110 4.75 -9.41 4.31
N SER B 111 5.77 -8.84 4.94
CA SER B 111 7.11 -8.80 4.35
C SER B 111 7.95 -9.95 4.91
N LYS B 112 8.58 -10.69 4.01
CA LYS B 112 9.38 -11.85 4.41
C LYS B 112 10.44 -12.11 3.35
N VAL B 113 11.42 -12.93 3.72
CA VAL B 113 12.50 -13.27 2.80
C VAL B 113 11.94 -14.04 1.61
N GLY B 114 12.37 -13.66 0.41
CA GLY B 114 11.91 -14.28 -0.81
C GLY B 114 10.88 -13.48 -1.59
N GLY B 115 10.24 -12.50 -0.97
CA GLY B 115 9.30 -11.65 -1.66
C GLY B 115 7.88 -12.16 -1.59
N ASN B 116 6.94 -11.21 -1.65
CA ASN B 116 5.51 -11.51 -1.67
C ASN B 116 4.89 -10.81 -2.87
N TYR B 117 4.14 -11.57 -3.68
CA TYR B 117 3.50 -11.03 -4.87
C TYR B 117 2.01 -11.34 -4.91
N ASN B 118 1.37 -11.60 -3.77
CA ASN B 118 -0.03 -12.01 -3.76
C ASN B 118 -0.96 -10.82 -4.00
N TYR B 119 -0.55 -9.63 -3.60
CA TYR B 119 -1.45 -8.49 -3.62
C TYR B 119 -1.57 -7.90 -5.04
N LEU B 120 -2.66 -7.18 -5.27
CA LEU B 120 -2.97 -6.60 -6.57
C LEU B 120 -3.64 -5.26 -6.40
N TYR B 121 -3.65 -4.49 -7.49
CA TYR B 121 -4.38 -3.23 -7.54
C TYR B 121 -4.74 -2.95 -8.99
N ARG B 122 -5.73 -2.07 -9.18
CA ARG B 122 -6.28 -1.77 -10.50
C ARG B 122 -5.98 -0.32 -10.85
N LEU B 123 -5.67 -0.08 -12.13
CA LEU B 123 -5.32 1.25 -12.62
C LEU B 123 -6.01 1.63 -13.92
N PHE B 124 -6.67 0.70 -14.59
CA PHE B 124 -7.31 0.96 -15.88
C PHE B 124 -8.82 0.79 -15.75
N ARG B 125 -9.56 1.83 -16.13
CA ARG B 125 -11.02 1.80 -16.14
C ARG B 125 -11.49 2.97 -17.01
N LYS B 126 -12.79 2.98 -17.31
CA LYS B 126 -13.38 4.06 -18.09
C LYS B 126 -13.54 5.31 -17.22
N SER B 127 -14.23 5.19 -16.10
CA SER B 127 -14.42 6.32 -15.20
C SER B 127 -14.06 5.94 -13.77
N ASN B 128 -14.23 6.90 -12.87
CA ASN B 128 -13.91 6.67 -11.46
C ASN B 128 -14.99 5.82 -10.81
N LEU B 129 -14.58 5.08 -9.77
CA LEU B 129 -15.51 4.21 -9.06
C LEU B 129 -16.43 5.03 -8.15
N LYS B 130 -17.67 4.58 -8.04
CA LYS B 130 -18.58 5.13 -7.05
C LYS B 130 -18.12 4.74 -5.64
N PRO B 131 -18.19 5.67 -4.69
CA PRO B 131 -17.75 5.34 -3.33
C PRO B 131 -18.56 4.19 -2.74
N PHE B 132 -17.87 3.36 -1.94
CA PHE B 132 -18.45 2.16 -1.35
C PHE B 132 -19.01 1.21 -2.42
N GLU B 133 -18.31 1.10 -3.54
CA GLU B 133 -18.66 0.16 -4.60
C GLU B 133 -17.41 -0.54 -5.08
N ARG B 134 -17.50 -1.87 -5.21
CA ARG B 134 -16.37 -2.70 -5.63
C ARG B 134 -16.79 -3.53 -6.83
N ASP B 135 -15.95 -3.55 -7.86
CA ASP B 135 -16.20 -4.30 -9.08
C ASP B 135 -15.01 -5.20 -9.38
N ILE B 136 -15.30 -6.46 -9.70
CA ILE B 136 -14.28 -7.43 -10.08
C ILE B 136 -14.60 -7.91 -11.49
N SER B 137 -13.65 -7.71 -12.40
CA SER B 137 -13.83 -8.07 -13.80
C SER B 137 -12.49 -8.45 -14.41
N THR B 138 -12.53 -9.41 -15.32
CA THR B 138 -11.35 -9.86 -16.05
C THR B 138 -11.26 -9.26 -17.44
N GLU B 139 -12.11 -8.29 -17.77
CA GLU B 139 -12.08 -7.67 -19.09
C GLU B 139 -10.78 -6.91 -19.27
N ILE B 140 -10.17 -7.07 -20.44
CA ILE B 140 -8.88 -6.46 -20.75
C ILE B 140 -9.15 -5.10 -21.40
N TYR B 141 -8.92 -4.03 -20.65
CA TYR B 141 -9.14 -2.69 -21.17
C TYR B 141 -8.12 -2.35 -22.25
N GLN B 142 -8.58 -1.64 -23.28
CA GLN B 142 -7.76 -1.34 -24.45
C GLN B 142 -7.73 0.17 -24.65
N ALA B 143 -6.56 0.70 -24.96
CA ALA B 143 -6.44 2.13 -25.24
C ALA B 143 -7.12 2.48 -26.56
N GLY B 144 -7.56 3.73 -26.67
CA GLY B 144 -8.30 4.16 -27.85
C GLY B 144 -7.40 4.31 -29.07
N SER B 145 -6.09 4.44 -28.84
CA SER B 145 -5.16 4.65 -29.95
C SER B 145 -5.09 3.42 -30.87
N THR B 146 -4.90 2.24 -30.28
CA THR B 146 -4.78 1.00 -31.05
C THR B 146 -5.65 -0.06 -30.39
N PRO B 147 -6.85 -0.34 -30.91
CA PRO B 147 -7.69 -1.36 -30.29
C PRO B 147 -7.39 -2.76 -30.80
N CYS B 148 -6.97 -3.66 -29.89
CA CYS B 148 -6.79 -5.06 -30.26
C CYS B 148 -8.13 -5.74 -30.46
N ASN B 149 -9.10 -5.46 -29.58
CA ASN B 149 -10.50 -5.86 -29.69
C ASN B 149 -10.71 -7.35 -29.42
N GLY B 150 -9.63 -8.12 -29.31
CA GLY B 150 -9.77 -9.49 -28.89
C GLY B 150 -8.65 -10.05 -28.03
N VAL B 151 -7.61 -9.26 -27.80
CA VAL B 151 -6.39 -9.75 -27.14
C VAL B 151 -5.78 -8.64 -26.31
N GLU B 152 -4.74 -9.00 -25.56
CA GLU B 152 -3.96 -8.04 -24.76
C GLU B 152 -2.61 -7.86 -25.45
N GLY B 153 -2.52 -6.80 -26.26
CA GLY B 153 -1.32 -6.54 -27.03
C GLY B 153 -0.88 -5.09 -26.99
N PHE B 154 -0.73 -4.48 -28.15
CA PHE B 154 -0.31 -3.08 -28.23
C PHE B 154 -1.48 -2.18 -27.85
N ASN B 155 -1.24 -1.31 -26.87
CA ASN B 155 -2.27 -0.39 -26.36
C ASN B 155 -3.47 -1.16 -25.82
N CYS B 156 -3.21 -2.35 -25.26
CA CYS B 156 -4.25 -3.16 -24.62
C CYS B 156 -3.63 -3.79 -23.38
N TYR B 157 -4.20 -3.51 -22.22
CA TYR B 157 -3.59 -3.91 -20.95
C TYR B 157 -4.65 -4.54 -20.05
N PHE B 158 -4.19 -5.50 -19.25
CA PHE B 158 -5.03 -6.08 -18.21
C PHE B 158 -5.08 -5.13 -17.01
N PRO B 159 -6.25 -4.87 -16.43
CA PRO B 159 -6.33 -3.88 -15.34
C PRO B 159 -5.46 -4.20 -14.14
N LEU B 160 -5.30 -5.47 -13.78
CA LEU B 160 -4.57 -5.84 -12.59
C LEU B 160 -3.06 -5.76 -12.82
N GLN B 161 -2.35 -5.27 -11.80
CA GLN B 161 -0.88 -5.24 -11.81
C GLN B 161 -0.36 -5.93 -10.56
N SER B 162 0.65 -6.77 -10.74
CA SER B 162 1.23 -7.49 -9.61
C SER B 162 1.94 -6.51 -8.68
N TYR B 163 1.85 -6.77 -7.38
CA TYR B 163 2.31 -5.85 -6.36
C TYR B 163 3.19 -6.59 -5.35
N GLY B 164 4.37 -6.02 -5.07
CA GLY B 164 5.41 -6.76 -4.37
C GLY B 164 5.88 -6.20 -3.04
N PHE B 165 6.36 -7.10 -2.16
CA PHE B 165 6.95 -6.74 -0.87
C PHE B 165 8.26 -7.49 -0.69
N GLN B 166 9.21 -6.87 0.01
CA GLN B 166 10.44 -7.53 0.40
C GLN B 166 11.10 -6.73 1.51
N PRO B 167 11.87 -7.36 2.40
CA PRO B 167 12.49 -6.62 3.52
C PRO B 167 13.46 -5.54 3.06
N THR B 168 14.14 -5.74 1.93
CA THR B 168 15.13 -4.77 1.49
C THR B 168 14.49 -3.47 1.04
N ASN B 169 13.18 -3.46 0.84
CA ASN B 169 12.49 -2.24 0.44
C ASN B 169 12.54 -1.20 1.55
N GLY B 170 12.47 0.07 1.16
CA GLY B 170 12.55 1.15 2.11
C GLY B 170 11.28 1.30 2.94
N VAL B 171 11.30 2.31 3.82
CA VAL B 171 10.17 2.55 4.71
C VAL B 171 8.93 2.92 3.91
N GLY B 172 9.11 3.70 2.83
CA GLY B 172 7.97 4.07 2.01
C GLY B 172 7.32 2.88 1.33
N TYR B 173 8.11 1.86 0.99
CA TYR B 173 7.61 0.68 0.30
C TYR B 173 7.15 -0.41 1.25
N GLN B 174 7.17 -0.16 2.55
CA GLN B 174 6.81 -1.18 3.53
C GLN B 174 5.30 -1.45 3.48
N PRO B 175 4.89 -2.70 3.67
CA PRO B 175 3.46 -3.00 3.73
C PRO B 175 2.82 -2.42 4.98
N TYR B 176 1.55 -2.04 4.85
CA TYR B 176 0.76 -1.52 5.95
C TYR B 176 -0.62 -2.15 5.91
N ARG B 177 -1.02 -2.79 7.01
CA ARG B 177 -2.36 -3.37 7.12
C ARG B 177 -3.34 -2.28 7.50
N VAL B 178 -4.36 -2.07 6.67
CA VAL B 178 -5.32 -0.99 6.84
C VAL B 178 -6.70 -1.58 7.10
N VAL B 179 -7.32 -1.15 8.20
CA VAL B 179 -8.66 -1.57 8.57
C VAL B 179 -9.50 -0.32 8.81
N VAL B 180 -10.66 -0.25 8.17
CA VAL B 180 -11.57 0.87 8.30
C VAL B 180 -12.89 0.38 8.87
N LEU B 181 -13.32 0.97 9.98
CA LEU B 181 -14.58 0.64 10.63
C LEU B 181 -15.51 1.83 10.55
N SER B 182 -16.60 1.70 9.78
CA SER B 182 -17.55 2.78 9.55
C SER B 182 -18.77 2.58 10.44
N PHE B 183 -19.34 3.70 10.88
CA PHE B 183 -20.52 3.68 11.76
C PHE B 183 -21.59 4.59 11.18
N GLU B 184 -22.84 4.14 11.25
CA GLU B 184 -23.97 4.91 10.74
C GLU B 184 -25.14 4.79 11.71
N LEU B 185 -26.09 5.73 11.59
CA LEU B 185 -27.25 5.79 12.46
C LEU B 185 -28.51 5.74 11.62
N LEU B 186 -29.56 5.11 12.15
CA LEU B 186 -30.82 4.97 11.46
C LEU B 186 -31.97 5.05 12.47
N HIS B 187 -33.20 5.02 11.94
CA HIS B 187 -34.37 5.07 12.81
C HIS B 187 -34.57 3.75 13.55
N ALA B 188 -34.02 2.66 13.01
CA ALA B 188 -34.15 1.37 13.65
C ALA B 188 -33.33 1.35 14.94
N PRO B 189 -33.73 0.56 15.93
CA PRO B 189 -32.93 0.46 17.17
C PRO B 189 -31.53 -0.08 16.87
N ALA B 190 -30.56 0.44 17.60
CA ALA B 190 -29.17 0.07 17.36
C ALA B 190 -28.78 -1.13 18.21
N THR B 191 -28.19 -2.15 17.58
CA THR B 191 -27.68 -3.31 18.27
C THR B 191 -26.21 -3.19 18.65
N VAL B 192 -25.56 -2.10 18.26
CA VAL B 192 -24.15 -1.85 18.57
C VAL B 192 -24.05 -0.55 19.33
N CYS B 193 -23.34 -0.57 20.45
CA CYS B 193 -23.14 0.62 21.27
C CYS B 193 -21.67 0.68 21.67
N GLY B 194 -21.33 1.57 22.58
CA GLY B 194 -19.96 1.72 23.05
C GLY B 194 -19.81 1.52 24.54
N VAL C 1 5.87 31.42 4.06
CA VAL C 1 5.46 30.30 4.90
C VAL C 1 6.66 29.39 5.18
N GLN C 2 7.19 29.47 6.38
CA GLN C 2 8.35 28.67 6.79
C GLN C 2 8.24 28.39 8.28
N LEU C 3 9.34 27.95 8.88
CA LEU C 3 9.38 27.56 10.28
C LEU C 3 10.46 28.34 11.01
N VAL C 4 10.16 28.72 12.25
CA VAL C 4 11.08 29.47 13.10
C VAL C 4 11.35 28.64 14.36
N GLU C 5 12.63 28.46 14.67
CA GLU C 5 13.06 27.66 15.81
C GLU C 5 13.97 28.49 16.71
N SER C 6 13.84 28.28 18.02
CA SER C 6 14.66 28.98 19.00
C SER C 6 15.11 28.00 20.08
N GLY C 7 16.21 28.32 20.74
CA GLY C 7 16.71 27.51 21.82
C GLY C 7 17.75 26.49 21.36
N GLY C 8 18.63 26.13 22.28
CA GLY C 8 19.67 25.15 22.01
C GLY C 8 21.03 25.66 22.45
N GLY C 9 21.96 24.72 22.53
CA GLY C 9 23.32 25.01 22.94
C GLY C 9 24.10 23.78 23.34
N LEU C 10 24.92 23.89 24.39
CA LEU C 10 25.69 22.77 24.90
C LEU C 10 25.51 22.69 26.41
N VAL C 11 25.03 21.54 26.89
CA VAL C 11 24.82 21.30 28.31
C VAL C 11 25.27 19.88 28.63
N GLN C 12 26.01 19.74 29.73
CA GLN C 12 26.50 18.43 30.16
C GLN C 12 25.35 17.67 30.84
N ALA C 13 25.69 16.54 31.47
CA ALA C 13 24.68 15.73 32.14
C ALA C 13 24.07 16.48 33.32
N GLY C 14 22.82 16.15 33.62
CA GLY C 14 22.11 16.82 34.70
C GLY C 14 21.81 18.28 34.43
N GLY C 15 21.45 18.62 33.19
CA GLY C 15 21.10 19.99 32.86
C GLY C 15 19.75 20.11 32.18
N SER C 16 19.49 21.25 31.54
CA SER C 16 18.20 21.47 30.91
C SER C 16 18.34 22.49 29.79
N LEU C 17 17.52 22.33 28.77
CA LEU C 17 17.45 23.29 27.66
C LEU C 17 16.09 23.12 26.99
N ARG C 18 15.20 24.09 27.19
CA ARG C 18 13.87 24.02 26.58
C ARG C 18 14.00 24.14 25.06
N LEU C 19 13.23 23.32 24.34
CA LEU C 19 13.29 23.27 22.89
C LEU C 19 11.96 23.77 22.33
N SER C 20 11.87 25.08 22.14
CA SER C 20 10.64 25.69 21.70
C SER C 20 10.56 25.76 20.18
N CYS C 21 9.35 26.00 19.68
CA CYS C 21 9.11 26.09 18.24
C CYS C 21 7.76 26.76 18.05
N ALA C 22 7.66 27.67 17.07
CA ALA C 22 6.47 28.46 16.84
C ALA C 22 6.07 28.40 15.38
N VAL C 23 4.78 28.57 15.12
CA VAL C 23 4.23 28.58 13.77
C VAL C 23 3.66 29.98 13.54
N SER C 24 4.21 30.69 12.54
CA SER C 24 3.71 32.02 12.23
C SER C 24 2.46 31.97 11.36
N GLY C 25 2.15 30.81 10.80
CA GLY C 25 0.96 30.69 9.98
C GLY C 25 -0.31 30.71 10.80
N ARG C 26 -1.42 30.98 10.13
CA ARG C 26 -2.73 31.03 10.78
C ARG C 26 -3.46 29.69 10.77
N THR C 27 -2.86 28.65 10.20
CA THR C 27 -3.45 27.33 10.18
C THR C 27 -3.12 26.50 11.41
N PHE C 28 -2.77 27.15 12.53
CA PHE C 28 -2.47 26.43 13.76
C PHE C 28 -3.68 25.69 14.29
N SER C 29 -4.89 26.13 13.93
CA SER C 29 -6.10 25.49 14.42
C SER C 29 -6.21 24.05 13.97
N THR C 30 -5.87 23.78 12.71
CA THR C 30 -6.01 22.44 12.13
C THR C 30 -4.69 21.76 11.86
N TYR C 31 -3.60 22.18 12.50
CA TYR C 31 -2.29 21.57 12.32
C TYR C 31 -1.84 20.97 13.65
N GLY C 32 -1.50 19.68 13.63
CA GLY C 32 -0.99 19.03 14.82
C GLY C 32 0.51 19.21 14.97
N MET C 33 1.03 18.75 16.10
CA MET C 33 2.44 18.88 16.42
C MET C 33 3.08 17.50 16.54
N ALA C 34 4.35 17.42 16.19
CA ALA C 34 5.13 16.20 16.31
C ALA C 34 6.59 16.56 16.43
N TRP C 35 7.40 15.62 16.93
CA TRP C 35 8.81 15.86 17.18
C TRP C 35 9.63 14.67 16.70
N PHE C 36 10.84 14.95 16.24
CA PHE C 36 11.75 13.91 15.74
C PHE C 36 13.18 14.33 16.05
N ARG C 37 14.08 13.34 16.10
CA ARG C 37 15.46 13.56 16.53
C ARG C 37 16.41 12.64 15.76
N GLN C 38 17.25 13.23 14.91
CA GLN C 38 18.25 12.46 14.16
C GLN C 38 19.32 13.40 13.63
N ALA C 39 20.56 13.19 14.10
CA ALA C 39 21.69 13.97 13.62
C ALA C 39 22.25 13.49 12.30
N PRO C 40 22.71 12.22 12.17
CA PRO C 40 23.47 11.83 10.97
C PRO C 40 22.59 11.29 9.85
N GLY C 41 21.56 12.06 9.50
CA GLY C 41 20.65 11.64 8.45
C GLY C 41 19.91 10.35 8.76
N LYS C 42 19.85 9.97 10.04
CA LYS C 42 19.18 8.72 10.42
C LYS C 42 17.67 8.86 10.23
N GLU C 43 17.00 7.73 10.11
CA GLU C 43 15.55 7.74 9.99
C GLU C 43 14.93 8.41 11.21
N ARG C 44 13.97 9.30 10.96
CA ARG C 44 13.38 10.07 12.04
C ARG C 44 12.53 9.17 12.93
N ASP C 45 12.76 9.26 14.24
CA ASP C 45 12.04 8.46 15.22
C ASP C 45 11.10 9.37 16.00
N PHE C 46 9.88 8.88 16.24
CA PHE C 46 8.88 9.68 16.91
C PHE C 46 9.31 10.04 18.32
N VAL C 47 8.99 11.26 18.74
CA VAL C 47 9.33 11.75 20.07
C VAL C 47 8.07 12.07 20.87
N ALA C 48 7.26 13.00 20.39
CA ALA C 48 6.05 13.39 21.11
C ALA C 48 5.07 14.00 20.11
N THR C 49 3.80 14.04 20.52
CA THR C 49 2.75 14.62 19.69
C THR C 49 1.60 15.07 20.57
N ILE C 50 0.77 15.95 20.03
CA ILE C 50 -0.42 16.46 20.71
C ILE C 50 -1.61 16.30 19.78
N THR C 51 -2.75 15.89 20.34
CA THR C 51 -3.95 15.74 19.54
C THR C 51 -4.56 17.10 19.22
N ARG C 52 -5.47 17.12 18.25
CA ARG C 52 -6.01 18.38 17.77
C ARG C 52 -6.84 19.08 18.85
N SER C 53 -7.64 18.33 19.59
CA SER C 53 -8.49 18.95 20.61
C SER C 53 -7.69 19.34 21.85
N GLY C 54 -6.75 18.48 22.25
CA GLY C 54 -5.83 18.81 23.32
C GLY C 54 -6.01 18.08 24.63
N GLU C 55 -7.00 17.19 24.74
CA GLU C 55 -7.21 16.48 26.00
C GLU C 55 -6.18 15.36 26.18
N THR C 56 -5.76 14.73 25.10
CA THR C 56 -4.89 13.56 25.17
C THR C 56 -3.49 13.93 24.69
N THR C 57 -2.48 13.46 25.43
CA THR C 57 -1.08 13.69 25.11
C THR C 57 -0.39 12.35 24.91
N LEU C 58 0.31 12.19 23.78
CA LEU C 58 0.98 10.96 23.43
C LEU C 58 2.48 11.22 23.31
N TYR C 59 3.28 10.32 23.86
CA TYR C 59 4.73 10.45 23.87
C TYR C 59 5.36 9.11 23.51
N ALA C 60 6.60 9.19 23.03
CA ALA C 60 7.40 7.99 22.83
C ALA C 60 7.81 7.41 24.17
N ASP C 61 8.04 6.09 24.20
CA ASP C 61 8.33 5.40 25.45
C ASP C 61 9.63 5.89 26.06
N SER C 62 10.65 6.12 25.24
CA SER C 62 11.96 6.51 25.76
C SER C 62 11.91 7.88 26.44
N VAL C 63 11.15 8.81 25.86
CA VAL C 63 11.17 10.18 26.37
C VAL C 63 10.15 10.36 27.49
N LYS C 64 9.40 9.31 27.82
CA LYS C 64 8.40 9.42 28.87
C LYS C 64 9.07 9.62 30.23
N GLY C 65 8.47 10.48 31.05
CA GLY C 65 8.97 10.78 32.37
C GLY C 65 9.86 12.01 32.46
N ARG C 66 10.50 12.40 31.37
CA ARG C 66 11.36 13.58 31.38
C ARG C 66 10.83 14.63 30.41
N PHE C 67 10.61 14.24 29.16
CA PHE C 67 10.12 15.17 28.16
C PHE C 67 8.66 15.54 28.44
N THR C 68 8.32 16.80 28.17
CA THR C 68 6.97 17.30 28.38
C THR C 68 6.68 18.36 27.33
N ILE C 69 5.49 18.28 26.75
CA ILE C 69 5.06 19.21 25.70
C ILE C 69 3.89 20.03 26.22
N SER C 70 3.64 21.14 25.54
CA SER C 70 2.54 22.03 25.87
C SER C 70 2.11 22.77 24.61
N ARG C 71 0.89 23.30 24.64
CA ARG C 71 0.31 24.01 23.52
C ARG C 71 0.12 25.47 23.89
N ASP C 72 0.48 26.36 22.97
CA ASP C 72 0.38 27.80 23.18
C ASP C 72 -0.52 28.41 22.12
N ASN C 73 -1.30 29.42 22.52
CA ASN C 73 -2.16 30.14 21.59
C ASN C 73 -1.83 31.61 21.47
N ALA C 74 -1.09 32.17 22.44
CA ALA C 74 -0.72 33.58 22.36
C ALA C 74 0.19 33.85 21.17
N LYS C 75 1.17 32.98 20.94
CA LYS C 75 2.07 33.09 19.81
C LYS C 75 2.17 31.79 19.01
N ASN C 76 1.35 30.79 19.34
CA ASN C 76 1.40 29.47 18.70
C ASN C 76 2.77 28.84 18.85
N THR C 77 3.43 29.06 19.99
CA THR C 77 4.78 28.55 20.23
C THR C 77 4.69 27.29 21.06
N VAL C 78 4.60 26.15 20.37
CA VAL C 78 4.58 24.87 21.07
C VAL C 78 5.92 24.66 21.77
N TYR C 79 5.84 24.29 23.04
CA TYR C 79 7.01 24.17 23.91
C TYR C 79 7.29 22.71 24.20
N LEU C 80 8.57 22.35 24.26
CA LEU C 80 9.00 21.04 24.71
C LEU C 80 10.13 21.23 25.73
N GLN C 81 10.02 20.55 26.87
CA GLN C 81 11.01 20.62 27.92
C GLN C 81 11.93 19.41 27.83
N MET C 82 13.22 19.65 27.62
CA MET C 82 14.21 18.60 27.51
C MET C 82 15.07 18.61 28.76
N ASN C 83 15.25 17.43 29.38
CA ASN C 83 16.02 17.30 30.60
C ASN C 83 16.71 15.94 30.60
N SER C 84 17.53 15.71 31.63
CA SER C 84 18.27 14.46 31.81
C SER C 84 19.18 14.20 30.60
N LEU C 85 20.16 15.07 30.42
CA LEU C 85 21.06 14.99 29.28
C LEU C 85 21.82 13.67 29.27
N LYS C 86 21.92 13.07 28.07
CA LYS C 86 22.67 11.85 27.87
C LYS C 86 23.52 11.98 26.61
N ILE C 87 24.36 10.98 26.36
CA ILE C 87 25.24 11.01 25.20
C ILE C 87 24.42 10.96 23.92
N GLU C 88 23.40 10.10 23.88
CA GLU C 88 22.60 9.95 22.67
C GLU C 88 21.74 11.19 22.37
N ASP C 89 21.62 12.11 23.33
CA ASP C 89 20.87 13.33 23.10
C ASP C 89 21.56 14.27 22.12
N THR C 90 22.83 14.02 21.78
CA THR C 90 23.57 14.84 20.81
C THR C 90 23.06 14.50 19.42
N ALA C 91 21.96 15.15 19.03
CA ALA C 91 21.37 14.90 17.73
C ALA C 91 20.58 16.12 17.27
N VAL C 92 20.39 16.21 15.96
CA VAL C 92 19.60 17.30 15.38
C VAL C 92 18.13 17.10 15.72
N TYR C 93 17.48 18.19 16.11
CA TYR C 93 16.11 18.16 16.61
C TYR C 93 15.20 18.80 15.56
N TYR C 94 14.11 18.12 15.22
CA TYR C 94 13.22 18.55 14.13
C TYR C 94 11.85 18.92 14.69
N CYS C 95 11.32 20.06 14.23
CA CYS C 95 9.99 20.53 14.63
C CYS C 95 8.99 20.17 13.53
N ALA C 96 8.56 18.92 13.54
CA ALA C 96 7.58 18.45 12.56
C ALA C 96 6.20 18.99 12.89
N VAL C 97 5.36 19.11 11.85
CA VAL C 97 4.00 19.62 11.99
C VAL C 97 3.08 18.75 11.14
N ARG C 98 1.92 18.40 11.70
CA ARG C 98 0.96 17.55 11.02
C ARG C 98 0.13 18.35 10.02
N ARG C 99 -0.52 17.64 9.11
CA ARG C 99 -1.39 18.24 8.10
C ARG C 99 -2.75 18.58 8.69
N ASP C 100 -3.74 18.80 7.83
CA ASP C 100 -5.08 19.17 8.26
C ASP C 100 -5.58 18.26 9.38
N SER C 101 -6.43 18.82 10.23
CA SER C 101 -6.79 18.17 11.48
C SER C 101 -7.52 16.85 11.25
N SER C 102 -7.24 15.88 12.12
CA SER C 102 -7.91 14.59 12.08
C SER C 102 -7.82 13.96 13.47
N TRP C 103 -8.96 13.53 14.00
CA TRP C 103 -9.03 12.94 15.34
C TRP C 103 -8.28 11.62 15.34
N GLY C 104 -7.11 11.58 15.96
CA GLY C 104 -6.38 10.34 16.07
C GLY C 104 -4.92 10.58 16.41
N TYR C 105 -4.16 9.50 16.33
CA TYR C 105 -2.73 9.49 16.65
C TYR C 105 -1.93 9.19 15.40
N SER C 106 -0.91 10.00 15.14
CA SER C 106 0.00 9.80 14.03
C SER C 106 1.40 9.52 14.58
N ARG C 107 1.97 8.38 14.21
CA ARG C 107 3.28 7.97 14.68
C ARG C 107 4.16 7.48 13.53
N ASP C 108 3.97 8.07 12.36
CA ASP C 108 4.73 7.67 11.17
C ASP C 108 5.15 8.90 10.39
N LEU C 109 6.15 8.72 9.54
CA LEU C 109 6.71 9.78 8.71
C LEU C 109 6.01 9.91 7.37
N PHE C 110 4.76 9.44 7.28
CA PHE C 110 4.07 9.40 5.99
C PHE C 110 3.84 10.80 5.44
N GLU C 111 3.43 11.74 6.29
CA GLU C 111 3.12 13.09 5.84
C GLU C 111 3.56 14.10 6.87
N TYR C 112 4.28 15.13 6.42
CA TYR C 112 4.67 16.25 7.25
C TYR C 112 4.93 17.44 6.35
N ASP C 113 4.61 18.64 6.85
CA ASP C 113 4.66 19.84 6.02
C ASP C 113 6.08 20.36 5.86
N TYR C 114 6.70 20.78 6.95
CA TYR C 114 8.01 21.41 6.91
C TYR C 114 8.98 20.68 7.83
N TRP C 115 10.27 20.77 7.48
CA TRP C 115 11.35 20.22 8.27
C TRP C 115 12.19 21.36 8.82
N GLY C 116 12.36 21.38 10.13
CA GLY C 116 13.08 22.46 10.79
C GLY C 116 14.59 22.27 10.77
N GLN C 117 15.27 23.23 11.39
CA GLN C 117 16.72 23.17 11.55
C GLN C 117 17.10 22.56 12.89
N GLY C 118 16.67 23.19 13.98
CA GLY C 118 16.91 22.66 15.31
C GLY C 118 18.33 22.86 15.80
N THR C 119 18.58 22.33 16.99
CA THR C 119 19.87 22.47 17.65
C THR C 119 20.24 21.14 18.31
N GLN C 120 21.54 20.96 18.52
CA GLN C 120 22.06 19.76 19.17
C GLN C 120 22.94 20.16 20.35
N VAL C 121 22.98 19.28 21.34
CA VAL C 121 23.70 19.53 22.59
C VAL C 121 24.86 18.55 22.68
N THR C 122 26.05 19.07 22.97
CA THR C 122 27.26 18.26 23.06
C THR C 122 27.64 18.07 24.52
N VAL C 123 27.86 16.81 24.92
CA VAL C 123 28.19 16.45 26.28
C VAL C 123 29.60 15.88 26.30
N SER C 124 30.43 16.41 27.20
CA SER C 124 31.82 15.95 27.31
C SER C 124 31.94 14.75 28.24
C1 NAG D . -3.87 -14.04 16.67
C2 NAG D . -3.14 -13.67 17.97
C3 NAG D . -1.96 -14.62 18.19
C4 NAG D . -2.43 -16.06 18.14
C5 NAG D . -3.19 -16.32 16.84
C6 NAG D . -3.78 -17.72 16.78
C7 NAG D . -2.45 -11.57 19.04
C8 NAG D . -1.99 -10.16 18.82
N2 NAG D . -2.69 -12.28 17.93
O3 NAG D . -1.36 -14.35 19.45
O4 NAG D . -1.30 -16.93 18.21
O5 NAG D . -4.29 -15.41 16.72
O6 NAG D . -4.54 -18.01 17.94
O7 NAG D . -2.58 -12.04 20.16
#